data_8XKP
#
_entry.id   8XKP
#
_cell.length_a   80.651
_cell.length_b   80.651
_cell.length_c   131.207
_cell.angle_alpha   90.00
_cell.angle_beta   90.00
_cell.angle_gamma   120.00
#
_symmetry.space_group_name_H-M   'P 63'
#
loop_
_entity.id
_entity.type
_entity.pdbx_description
1 polymer 'Tyrosine-protein kinase Fes/Fps'
2 non-polymer 'SULFATE ION'
3 non-polymer 7-[[(1R,2S)-2-azanylcyclohexyl]amino]-5-[[3-[(2S,6R)-2,6-dimethylmorpholin-4-yl]phenyl]amino]-4-oxidanylidene-3H-pyrido[3,4-d]pyridazine-8-carbonitrile
4 water water
#
_entity_poly.entity_id   1
_entity_poly.type   'polypeptide(L)'
_entity_poly.pdbx_seq_one_letter_code
;GPEVQKPLHEQLWYHGAIPRAEVAELLVHSGDFLVRESQGKQEYVLSVLWDGLPRHFIIQSLDNLYRLEGEGFPSIPLLI
DHLLSTQQPLTKKSGVVLHRAVPKDKWVLNHEDLVLGEQIGRGNFGEVFSGRLRADNTLVAVKSCRETLPPDLKAKFLQE
ARILKQYSHPNIVRLIGVCTQKQPIYIVMELVQGGDFLTFLRTEGARLRVKTLLEMVGDAAAGMEYLESKCCIHRDLAAR
NCLVTEKNVLKISDFGMSREEADGVYAASGGLRQVPVKWTAPEALNYGRYSSESDVWSFGILLWETFSLGASPYPNLSNQ
QTREFVEKGGRLPCPELCPDAVFRLMEQCWAYEPGQRPSFSTIYQELQSIRKRHR
;
_entity_poly.pdbx_strand_id   A
#
loop_
_chem_comp.id
_chem_comp.type
_chem_comp.name
_chem_comp.formula
A1LWS non-polymer 7-[[(1R,2S)-2-azanylcyclohexyl]amino]-5-[[3-[(2S,6R)-2,6-dimethylmorpholin-4-yl]phenyl]amino]-4-oxidanylidene-3H-pyrido[3,4-d]pyridazine-8-carbonitrile 'C26 H32 N8 O2'
SO4 non-polymer 'SULFATE ION' 'O4 S -2'
#
# COMPACT_ATOMS: atom_id res chain seq x y z
N GLU A 3 -16.06 -0.10 30.73
CA GLU A 3 -15.28 0.50 29.61
C GLU A 3 -14.43 1.67 30.11
N VAL A 4 -15.06 2.58 30.85
CA VAL A 4 -14.36 3.76 31.36
C VAL A 4 -13.27 3.40 32.38
N GLN A 5 -13.46 2.26 33.04
CA GLN A 5 -12.51 1.74 34.01
C GLN A 5 -11.22 1.21 33.36
N LYS A 6 -11.33 0.75 32.11
CA LYS A 6 -10.19 0.19 31.36
C LYS A 6 -9.04 1.17 31.14
N PRO A 7 -7.79 0.66 31.11
CA PRO A 7 -6.65 1.51 30.82
C PRO A 7 -6.75 2.15 29.43
N LEU A 8 -6.14 3.32 29.30
CA LEU A 8 -6.22 4.11 28.09
C LEU A 8 -5.85 3.27 26.85
N HIS A 9 -4.79 2.45 26.99
CA HIS A 9 -4.30 1.65 25.85
C HIS A 9 -5.33 0.69 25.32
N GLU A 10 -6.19 0.18 26.20
CA GLU A 10 -7.28 -0.69 25.75
C GLU A 10 -8.48 0.05 25.14
N GLN A 11 -8.58 1.37 25.28
CA GLN A 11 -9.77 2.08 24.83
C GLN A 11 -9.94 2.01 23.32
N LEU A 12 -11.18 1.87 22.87
CA LEU A 12 -11.47 1.78 21.44
C LEU A 12 -11.13 3.09 20.72
N TRP A 13 -11.22 4.21 21.43
CA TRP A 13 -10.99 5.51 20.82
C TRP A 13 -9.58 6.00 20.99
N TYR A 14 -8.70 5.15 21.50
CA TYR A 14 -7.29 5.50 21.65
C TYR A 14 -6.46 4.94 20.47
N HIS A 15 -5.90 5.83 19.65
CA HIS A 15 -5.20 5.41 18.44
C HIS A 15 -3.70 5.52 18.51
N GLY A 16 -3.15 5.83 19.67
CA GLY A 16 -1.70 5.81 19.84
C GLY A 16 -0.91 6.67 18.87
N ALA A 17 -0.10 6.00 18.03
CA ALA A 17 0.89 6.69 17.21
C ALA A 17 0.44 7.00 15.79
N ILE A 18 -0.87 7.04 15.53
CA ILE A 18 -1.29 7.36 14.18
C ILE A 18 -0.89 8.75 13.79
N PRO A 19 -0.46 8.93 12.53
CA PRO A 19 -0.04 10.21 11.97
C PRO A 19 -1.21 11.19 11.88
N ARG A 20 -0.89 12.48 11.91
CA ARG A 20 -1.85 13.57 11.77
C ARG A 20 -2.70 13.40 10.51
N ALA A 21 -2.07 12.91 9.44
CA ALA A 21 -2.75 12.74 8.17
C ALA A 21 -3.80 11.63 8.27
N GLU A 22 -3.48 10.56 9.02
CA GLU A 22 -4.47 9.53 9.26
C GLU A 22 -5.62 10.07 10.13
N VAL A 23 -5.29 10.97 11.05
CA VAL A 23 -6.28 11.56 11.97
C VAL A 23 -7.36 12.30 11.16
N ALA A 24 -6.92 13.05 10.15
CA ALA A 24 -7.83 13.81 9.28
C ALA A 24 -8.77 12.90 8.51
N GLU A 25 -8.28 11.74 8.10
CA GLU A 25 -9.10 10.75 7.43
C GLU A 25 -10.21 10.25 8.34
N LEU A 26 -9.85 9.97 9.60
CA LEU A 26 -10.77 9.34 10.58
C LEU A 26 -11.89 10.27 11.09
N LEU A 27 -11.61 11.55 11.24
CA LEU A 27 -12.59 12.48 11.78
C LEU A 27 -13.47 13.02 10.66
N VAL A 28 -14.73 12.62 10.63
CA VAL A 28 -15.62 12.92 9.51
C VAL A 28 -16.62 14.04 9.83
N HIS A 29 -17.16 14.00 11.04
CA HIS A 29 -18.28 14.88 11.42
C HIS A 29 -17.85 15.76 12.54
N SER A 30 -18.51 16.91 12.66
CA SER A 30 -18.25 17.86 13.74
C SER A 30 -18.35 17.13 15.09
N GLY A 31 -17.33 17.31 15.93
CA GLY A 31 -17.35 16.72 17.27
C GLY A 31 -16.81 15.30 17.31
N ASP A 32 -16.56 14.70 16.14
CA ASP A 32 -15.82 13.42 16.07
C ASP A 32 -14.46 13.58 16.74
N PHE A 33 -14.07 12.60 17.55
CA PHE A 33 -12.81 12.76 18.28
C PHE A 33 -12.07 11.44 18.50
N LEU A 34 -10.77 11.57 18.75
CA LEU A 34 -9.94 10.44 19.17
C LEU A 34 -8.85 10.94 20.10
N VAL A 35 -8.23 10.02 20.82
CA VAL A 35 -7.07 10.36 21.63
C VAL A 35 -5.87 9.59 21.06
N ARG A 36 -4.71 10.24 21.11
CA ARG A 36 -3.51 9.71 20.51
C ARG A 36 -2.33 10.21 21.33
N GLU A 37 -1.18 9.62 21.07
CA GLU A 37 0.05 10.08 21.68
C GLU A 37 0.80 10.89 20.67
N SER A 38 1.21 12.10 21.03
CA SER A 38 1.98 12.90 20.12
C SER A 38 3.40 12.32 20.14
N GLN A 39 3.87 11.81 19.00
CA GLN A 39 5.16 11.13 18.96
C GLN A 39 6.28 12.07 19.36
N GLY A 40 6.26 13.26 18.77
CA GLY A 40 7.29 14.27 19.05
C GLY A 40 7.37 14.71 20.49
N LYS A 41 6.24 15.08 21.07
CA LYS A 41 6.27 15.73 22.37
C LYS A 41 6.14 14.74 23.53
N GLN A 42 5.85 13.48 23.23
CA GLN A 42 5.55 12.48 24.27
C GLN A 42 4.49 13.02 25.26
N GLU A 43 3.38 13.49 24.71
CA GLU A 43 2.17 13.90 25.47
C GLU A 43 0.91 13.37 24.82
N TYR A 44 -0.17 13.23 25.59
CA TYR A 44 -1.40 12.76 25.00
C TYR A 44 -2.15 13.89 24.38
N VAL A 45 -2.81 13.60 23.27
CA VAL A 45 -3.48 14.64 22.50
C VAL A 45 -4.91 14.22 22.23
N LEU A 46 -5.85 15.15 22.44
CA LEU A 46 -7.24 14.92 22.08
C LEU A 46 -7.49 15.66 20.78
N SER A 47 -7.78 14.90 19.72
CA SER A 47 -8.02 15.48 18.39
C SER A 47 -9.48 15.45 18.05
N VAL A 48 -10.00 16.59 17.62
CA VAL A 48 -11.44 16.77 17.43
C VAL A 48 -11.72 17.56 16.14
N LEU A 49 -12.74 17.13 15.39
CA LEU A 49 -13.14 17.85 14.18
C LEU A 49 -14.08 18.99 14.54
N TRP A 50 -13.68 20.22 14.18
CA TRP A 50 -14.46 21.43 14.42
C TRP A 50 -14.22 22.41 13.30
N ASP A 51 -15.30 22.97 12.76
CA ASP A 51 -15.21 23.93 11.63
C ASP A 51 -14.57 23.28 10.43
N GLY A 52 -14.75 21.96 10.28
CA GLY A 52 -14.20 21.22 9.15
C GLY A 52 -12.74 20.78 9.24
N LEU A 53 -12.03 21.18 10.29
CA LEU A 53 -10.62 20.76 10.44
C LEU A 53 -10.36 20.18 11.84
N PRO A 54 -9.46 19.19 11.90
CA PRO A 54 -8.99 18.67 13.17
C PRO A 54 -8.36 19.74 14.04
N ARG A 55 -8.72 19.77 15.31
CA ARG A 55 -8.11 20.64 16.30
C ARG A 55 -7.50 19.75 17.36
N HIS A 56 -6.28 20.08 17.76
CA HIS A 56 -5.51 19.20 18.60
C HIS A 56 -5.29 19.87 19.92
N PHE A 57 -5.74 19.21 20.98
CA PHE A 57 -5.59 19.73 22.33
C PHE A 57 -4.64 18.85 23.11
N ILE A 58 -3.67 19.48 23.76
CA ILE A 58 -2.73 18.74 24.57
C ILE A 58 -3.38 18.47 25.92
N ILE A 59 -3.41 17.20 26.32
CA ILE A 59 -4.04 16.85 27.60
C ILE A 59 -2.98 17.11 28.67
N GLN A 60 -3.26 18.04 29.57
CA GLN A 60 -2.33 18.37 30.66
C GLN A 60 -2.39 17.32 31.75
N SER A 61 -1.26 17.13 32.42
CA SER A 61 -1.16 16.17 33.52
C SER A 61 -0.45 16.80 34.69
N LEU A 62 -1.05 16.72 35.88
CA LEU A 62 -0.42 17.20 37.11
C LEU A 62 -0.98 16.37 38.28
N ASP A 63 -0.08 16.01 39.19
CA ASP A 63 -0.48 15.27 40.40
C ASP A 63 -1.27 14.03 40.02
N ASN A 64 -0.90 13.41 38.90
CA ASN A 64 -1.59 12.23 38.38
C ASN A 64 -3.05 12.51 38.02
N LEU A 65 -3.33 13.77 37.72
CA LEU A 65 -4.64 14.14 37.23
C LEU A 65 -4.56 14.75 35.83
N TYR A 66 -5.51 14.38 34.99
CA TYR A 66 -5.56 14.79 33.60
C TYR A 66 -6.66 15.80 33.38
N ARG A 67 -6.34 16.86 32.66
CA ARG A 67 -7.24 17.99 32.52
C ARG A 67 -6.97 18.77 31.25
N LEU A 68 -7.90 19.66 30.92
CA LEU A 68 -7.61 20.64 29.90
C LEU A 68 -7.52 22.00 30.57
N GLU A 69 -8.65 22.71 30.67
CA GLU A 69 -8.67 23.97 31.39
C GLU A 69 -9.69 23.95 32.50
N GLY A 70 -10.23 22.79 32.82
CA GLY A 70 -11.26 22.67 33.86
C GLY A 70 -10.80 21.72 34.96
N GLU A 71 -11.75 20.89 35.41
CA GLU A 71 -11.47 19.87 36.42
C GLU A 71 -10.50 18.82 35.90
N GLY A 72 -9.73 18.26 36.82
CA GLY A 72 -8.84 17.14 36.50
C GLY A 72 -9.43 15.81 36.90
N PHE A 73 -9.03 14.75 36.21
CA PHE A 73 -9.50 13.39 36.48
C PHE A 73 -8.35 12.40 36.58
N PRO A 74 -8.54 11.35 37.39
CA PRO A 74 -7.47 10.36 37.64
C PRO A 74 -7.13 9.52 36.41
N SER A 75 -7.99 9.49 35.39
CA SER A 75 -7.60 8.89 34.10
C SER A 75 -8.08 9.72 32.91
N ILE A 76 -7.47 9.48 31.76
CA ILE A 76 -7.93 10.15 30.53
C ILE A 76 -9.34 9.68 30.11
N PRO A 77 -9.63 8.40 30.26
CA PRO A 77 -11.01 7.92 30.00
C PRO A 77 -12.07 8.60 30.90
N LEU A 78 -11.74 8.87 32.14
CA LEU A 78 -12.67 9.61 33.00
C LEU A 78 -12.82 11.04 32.53
N LEU A 79 -11.72 11.65 32.07
CA LEU A 79 -11.78 13.02 31.52
C LEU A 79 -12.62 13.09 30.26
N ILE A 80 -12.45 12.12 29.37
CA ILE A 80 -13.24 12.05 28.13
C ILE A 80 -14.71 11.88 28.45
N ASP A 81 -15.02 11.02 29.42
CA ASP A 81 -16.41 10.76 29.77
C ASP A 81 -17.06 12.05 30.31
N HIS A 82 -16.33 12.77 31.17
CA HIS A 82 -16.80 14.05 31.67
C HIS A 82 -17.10 15.03 30.56
N LEU A 83 -16.17 15.15 29.61
CA LEU A 83 -16.31 16.11 28.49
C LEU A 83 -17.50 15.76 27.61
N LEU A 84 -17.64 14.47 27.28
CA LEU A 84 -18.74 14.01 26.45
C LEU A 84 -20.09 14.14 27.18
N SER A 85 -20.12 13.74 28.45
CA SER A 85 -21.35 13.74 29.21
C SER A 85 -21.84 15.14 29.57
N THR A 86 -20.93 16.07 29.86
CA THR A 86 -21.35 17.46 30.20
C THR A 86 -21.48 18.39 29.00
N GLN A 87 -20.93 18.00 27.86
CA GLN A 87 -20.92 18.84 26.66
C GLN A 87 -20.26 20.18 26.95
N GLN A 88 -19.30 20.19 27.87
CA GLN A 88 -18.52 21.37 28.17
C GLN A 88 -17.52 21.60 27.04
N PRO A 89 -17.33 22.86 26.65
CA PRO A 89 -16.30 23.16 25.65
C PRO A 89 -14.92 22.81 26.17
N LEU A 90 -14.05 22.29 25.32
CA LEU A 90 -12.71 21.86 25.76
C LEU A 90 -11.92 23.03 26.29
N THR A 91 -12.02 24.17 25.62
CA THR A 91 -11.55 25.45 26.16
C THR A 91 -12.65 26.46 25.91
N LYS A 92 -12.71 27.49 26.75
CA LYS A 92 -13.71 28.54 26.60
C LYS A 92 -13.44 29.28 25.30
N LYS A 93 -12.16 29.51 25.02
CA LYS A 93 -11.74 30.21 23.81
C LYS A 93 -12.15 29.45 22.54
N SER A 94 -11.86 28.15 22.50
CA SER A 94 -12.14 27.37 21.29
C SER A 94 -13.63 27.08 21.07
N GLY A 95 -14.34 26.72 22.12
CA GLY A 95 -15.75 26.35 22.01
C GLY A 95 -15.99 24.96 21.45
N VAL A 96 -14.93 24.19 21.29
CA VAL A 96 -15.02 22.81 20.80
C VAL A 96 -15.72 21.87 21.80
N VAL A 97 -16.68 21.10 21.31
CA VAL A 97 -17.48 20.21 22.13
C VAL A 97 -17.46 18.80 21.53
N LEU A 98 -17.18 17.80 22.37
CA LEU A 98 -17.11 16.42 21.88
C LEU A 98 -18.49 15.90 21.52
N HIS A 99 -18.54 15.09 20.45
CA HIS A 99 -19.81 14.46 20.07
C HIS A 99 -19.73 12.98 19.92
N ARG A 100 -18.73 12.48 19.20
CA ARG A 100 -18.66 11.04 18.94
C ARG A 100 -17.22 10.52 18.94
N ALA A 101 -17.00 9.43 19.70
CA ALA A 101 -15.71 8.80 19.76
C ALA A 101 -15.48 7.89 18.53
N VAL A 102 -14.39 8.12 17.81
CA VAL A 102 -14.10 7.35 16.61
C VAL A 102 -13.25 6.14 17.01
N PRO A 103 -13.79 4.94 16.82
CA PRO A 103 -13.12 3.73 17.24
C PRO A 103 -12.05 3.29 16.22
N LYS A 104 -11.06 2.54 16.70
CA LYS A 104 -10.11 1.88 15.82
C LYS A 104 -10.85 0.87 14.96
N ASP A 105 -10.39 0.67 13.73
CA ASP A 105 -10.97 -0.42 12.92
C ASP A 105 -10.37 -1.78 13.30
N LYS A 106 -10.89 -2.84 12.68
CA LYS A 106 -10.49 -4.21 13.00
C LYS A 106 -9.05 -4.51 12.59
N TRP A 107 -8.46 -3.67 11.74
CA TRP A 107 -7.09 -3.92 11.24
C TRP A 107 -6.01 -3.49 12.19
N VAL A 108 -6.33 -2.70 13.21
CA VAL A 108 -5.29 -2.20 14.09
C VAL A 108 -4.75 -3.37 14.90
N LEU A 109 -3.43 -3.47 15.00
CA LEU A 109 -2.78 -4.62 15.67
C LEU A 109 -1.86 -4.15 16.77
N ASN A 110 -1.81 -4.86 17.89
CA ASN A 110 -0.84 -4.49 18.95
C ASN A 110 0.56 -4.96 18.64
N HIS A 111 1.56 -4.15 18.99
CA HIS A 111 2.96 -4.52 18.82
C HIS A 111 3.27 -5.81 19.50
N GLU A 112 2.67 -6.01 20.66
CA GLU A 112 2.85 -7.21 21.48
C GLU A 112 2.44 -8.51 20.77
N ASP A 113 1.49 -8.39 19.84
CA ASP A 113 1.03 -9.53 19.04
C ASP A 113 2.10 -10.06 18.07
N LEU A 114 3.10 -9.24 17.76
CA LEU A 114 4.04 -9.52 16.68
C LEU A 114 5.47 -9.72 17.17
N VAL A 115 6.18 -10.69 16.61
CA VAL A 115 7.64 -10.80 16.84
C VAL A 115 8.32 -10.66 15.51
N LEU A 116 9.23 -9.69 15.43
CA LEU A 116 9.96 -9.41 14.20
C LEU A 116 11.05 -10.44 13.95
N GLY A 117 11.18 -10.89 12.71
CA GLY A 117 12.27 -11.79 12.31
C GLY A 117 13.31 -11.09 11.44
N GLU A 118 14.01 -11.88 10.64
CA GLU A 118 15.06 -11.41 9.72
C GLU A 118 14.54 -10.51 8.60
N GLN A 119 15.38 -9.57 8.16
CA GLN A 119 15.06 -8.73 7.03
C GLN A 119 14.96 -9.59 5.78
N ILE A 120 13.93 -9.39 4.96
CA ILE A 120 13.76 -10.16 3.73
C ILE A 120 13.84 -9.31 2.46
N GLY A 121 13.78 -7.99 2.60
CA GLY A 121 13.98 -7.13 1.45
C GLY A 121 14.01 -5.68 1.86
N ARG A 122 14.20 -4.80 0.88
CA ARG A 122 14.22 -3.36 1.10
C ARG A 122 13.17 -2.70 0.23
N GLY A 123 12.25 -1.98 0.87
CA GLY A 123 11.28 -1.18 0.13
C GLY A 123 11.67 0.29 0.08
N ASN A 124 10.94 1.07 -0.70
CA ASN A 124 11.21 2.50 -0.78
C ASN A 124 11.05 3.19 0.54
N PHE A 125 10.10 2.74 1.36
CA PHE A 125 9.96 3.32 2.71
C PHE A 125 10.94 2.79 3.74
N GLY A 126 11.50 1.61 3.51
CA GLY A 126 12.39 1.00 4.48
C GLY A 126 12.39 -0.53 4.34
N GLU A 127 13.05 -1.18 5.30
CA GLU A 127 13.19 -2.63 5.30
C GLU A 127 11.87 -3.34 5.44
N VAL A 128 11.77 -4.50 4.79
CA VAL A 128 10.68 -5.45 4.97
C VAL A 128 11.28 -6.64 5.73
N PHE A 129 10.56 -7.09 6.76
CA PHE A 129 11.05 -8.20 7.60
C PHE A 129 10.08 -9.37 7.54
N SER A 130 10.58 -10.58 7.75
CA SER A 130 9.71 -11.71 8.08
C SER A 130 9.31 -11.54 9.53
N GLY A 131 8.25 -12.23 9.94
CA GLY A 131 7.78 -12.11 11.30
C GLY A 131 6.79 -13.17 11.70
N ARG A 132 6.38 -13.15 12.96
CA ARG A 132 5.48 -14.16 13.48
C ARG A 132 4.40 -13.54 14.31
N LEU A 133 3.15 -13.92 14.06
CA LEU A 133 2.10 -13.57 15.00
C LEU A 133 2.15 -14.53 16.18
N ARG A 134 2.25 -14.00 17.39
CA ARG A 134 2.55 -14.84 18.55
C ARG A 134 1.39 -15.81 18.89
N ALA A 135 0.15 -15.37 18.73
CA ALA A 135 -1.03 -16.18 19.08
C ALA A 135 -1.13 -17.49 18.32
N ASP A 136 -0.90 -17.48 17.00
CA ASP A 136 -1.03 -18.76 16.29
C ASP A 136 0.13 -19.17 15.42
N ASN A 137 1.27 -18.52 15.54
CA ASN A 137 2.39 -18.86 14.63
C ASN A 137 2.16 -18.55 13.18
N THR A 138 1.22 -17.66 12.88
CA THR A 138 1.07 -17.22 11.50
C THR A 138 2.32 -16.45 11.07
N LEU A 139 2.89 -16.81 9.92
CA LEU A 139 4.07 -16.14 9.41
C LEU A 139 3.66 -14.91 8.62
N VAL A 140 4.37 -13.81 8.81
CA VAL A 140 3.98 -12.54 8.20
C VAL A 140 5.17 -11.81 7.58
N ALA A 141 4.89 -10.87 6.67
CA ALA A 141 5.86 -9.89 6.20
C ALA A 141 5.52 -8.55 6.86
N VAL A 142 6.56 -7.82 7.26
CA VAL A 142 6.36 -6.62 8.07
C VAL A 142 7.11 -5.47 7.36
N LYS A 143 6.37 -4.46 6.94
CA LYS A 143 6.95 -3.31 6.26
C LYS A 143 7.16 -2.19 7.23
N SER A 144 8.35 -1.61 7.19
CA SER A 144 8.73 -0.53 8.06
C SER A 144 8.91 0.80 7.29
N CYS A 145 8.93 1.90 8.02
CA CYS A 145 9.04 3.22 7.44
C CYS A 145 10.12 4.00 8.18
N ARG A 146 11.22 4.36 7.50
CA ARG A 146 12.31 5.09 8.10
C ARG A 146 11.83 6.50 8.46
N GLU A 147 12.12 6.92 9.68
CA GLU A 147 11.60 8.20 10.17
C GLU A 147 12.35 9.43 9.59
N THR A 148 13.52 9.19 8.99
CA THR A 148 14.29 10.28 8.40
C THR A 148 13.77 10.68 7.01
N LEU A 149 12.82 9.93 6.48
CA LEU A 149 12.18 10.29 5.20
C LEU A 149 11.42 11.63 5.32
N PRO A 150 11.26 12.38 4.22
CA PRO A 150 10.60 13.68 4.28
C PRO A 150 9.16 13.50 4.70
N PRO A 151 8.63 14.44 5.50
CA PRO A 151 7.27 14.33 6.07
C PRO A 151 6.19 14.06 5.03
N ASP A 152 6.28 14.73 3.88
CA ASP A 152 5.35 14.53 2.76
C ASP A 152 5.24 13.07 2.30
N LEU A 153 6.38 12.43 2.13
CA LEU A 153 6.45 11.03 1.76
C LEU A 153 6.04 10.04 2.88
N LYS A 154 6.43 10.32 4.12
CA LYS A 154 6.06 9.43 5.23
C LYS A 154 4.56 9.36 5.41
N ALA A 155 3.87 10.48 5.12
CA ALA A 155 2.41 10.53 5.21
C ALA A 155 1.74 9.54 4.24
N LYS A 156 2.46 9.15 3.20
CA LYS A 156 1.97 8.22 2.19
C LYS A 156 2.10 6.75 2.58
N PHE A 157 2.82 6.47 3.66
CA PHE A 157 3.19 5.08 3.97
C PHE A 157 1.98 4.21 4.27
N LEU A 158 1.03 4.74 5.03
CA LEU A 158 -0.16 3.96 5.43
C LEU A 158 -1.19 3.80 4.30
N GLN A 159 -0.95 4.49 3.19
CA GLN A 159 -1.81 4.39 2.01
C GLN A 159 -1.95 2.98 1.45
N GLU A 160 -0.85 2.23 1.42
CA GLU A 160 -0.90 0.85 0.98
C GLU A 160 -1.88 0.03 1.86
N ALA A 161 -1.85 0.25 3.18
CA ALA A 161 -2.76 -0.49 4.08
C ALA A 161 -4.19 -0.07 3.86
N ARG A 162 -4.44 1.23 3.71
CA ARG A 162 -5.80 1.73 3.52
C ARG A 162 -6.41 1.16 2.25
N ILE A 163 -5.60 1.04 1.20
CA ILE A 163 -6.07 0.44 -0.06
C ILE A 163 -6.37 -1.07 0.09
N LEU A 164 -5.42 -1.80 0.67
CA LEU A 164 -5.49 -3.26 0.74
C LEU A 164 -6.57 -3.78 1.71
N LYS A 165 -6.97 -2.95 2.67
CA LYS A 165 -8.06 -3.26 3.60
C LYS A 165 -9.33 -3.68 2.86
N GLN A 166 -9.55 -3.07 1.69
CA GLN A 166 -10.74 -3.32 0.90
C GLN A 166 -10.71 -4.59 0.05
N TYR A 167 -9.54 -5.15 -0.18
CA TYR A 167 -9.38 -6.18 -1.22
C TYR A 167 -9.37 -7.60 -0.67
N SER A 168 -9.92 -8.51 -1.47
CA SER A 168 -9.71 -9.92 -1.21
C SER A 168 -9.71 -10.65 -2.56
N HIS A 169 -8.58 -11.26 -2.91
CA HIS A 169 -8.46 -11.95 -4.20
C HIS A 169 -7.30 -12.91 -4.12
N PRO A 170 -7.41 -14.06 -4.80
CA PRO A 170 -6.35 -15.10 -4.81
C PRO A 170 -5.01 -14.59 -5.30
N ASN A 171 -5.05 -13.63 -6.21
CA ASN A 171 -3.81 -13.12 -6.81
C ASN A 171 -3.38 -11.73 -6.34
N ILE A 172 -3.91 -11.30 -5.19
CA ILE A 172 -3.48 -10.04 -4.54
C ILE A 172 -2.99 -10.38 -3.13
N VAL A 173 -1.86 -9.83 -2.74
CA VAL A 173 -1.30 -10.11 -1.40
C VAL A 173 -2.28 -9.64 -0.32
N ARG A 174 -2.38 -10.42 0.75
CA ARG A 174 -3.37 -10.16 1.76
C ARG A 174 -2.82 -9.34 2.91
N LEU A 175 -3.53 -8.27 3.28
CA LEU A 175 -3.14 -7.47 4.45
C LEU A 175 -3.58 -8.28 5.69
N ILE A 176 -2.79 -8.22 6.76
CA ILE A 176 -3.17 -8.80 8.06
C ILE A 176 -3.48 -7.72 9.11
N GLY A 177 -2.64 -6.71 9.22
CA GLY A 177 -3.00 -5.61 10.08
C GLY A 177 -2.00 -4.48 10.02
N VAL A 178 -2.25 -3.49 10.85
CA VAL A 178 -1.41 -2.32 10.90
C VAL A 178 -1.01 -2.07 12.35
N CYS A 179 0.28 -1.97 12.61
CA CYS A 179 0.74 -1.67 13.96
C CYS A 179 0.96 -0.17 14.11
N THR A 180 -0.07 0.54 14.59
CA THR A 180 -0.03 1.99 14.76
C THR A 180 -0.32 2.47 16.20
N GLN A 181 -0.39 1.55 17.15
CA GLN A 181 -0.59 1.95 18.56
C GLN A 181 0.66 2.57 19.16
N LYS A 182 1.83 2.12 18.73
CA LYS A 182 3.10 2.77 19.09
C LYS A 182 4.03 2.85 17.87
N GLN A 183 5.10 3.64 18.01
CA GLN A 183 6.20 3.59 17.06
C GLN A 183 7.10 2.43 17.42
N PRO A 184 7.83 1.87 16.45
CA PRO A 184 7.78 2.21 15.03
C PRO A 184 6.54 1.65 14.37
N ILE A 185 6.02 2.37 13.40
CA ILE A 185 4.83 1.94 12.66
C ILE A 185 5.09 0.83 11.64
N TYR A 186 4.26 -0.21 11.64
CA TYR A 186 4.41 -1.32 10.69
C TYR A 186 3.14 -1.61 9.93
N ILE A 187 3.29 -2.10 8.71
CA ILE A 187 2.17 -2.73 8.00
C ILE A 187 2.45 -4.23 7.96
N VAL A 188 1.44 -5.04 8.31
CA VAL A 188 1.69 -6.47 8.46
C VAL A 188 0.90 -7.22 7.40
N MET A 189 1.58 -8.08 6.66
CA MET A 189 0.92 -8.86 5.60
C MET A 189 1.22 -10.34 5.70
N GLU A 190 0.46 -11.16 4.96
CA GLU A 190 0.77 -12.58 4.85
C GLU A 190 2.18 -12.67 4.29
N LEU A 191 2.95 -13.62 4.78
CA LEU A 191 4.29 -13.82 4.25
C LEU A 191 4.16 -14.74 3.04
N VAL A 192 4.64 -14.32 1.85
CA VAL A 192 4.56 -15.21 0.71
C VAL A 192 5.89 -15.99 0.58
N GLN A 193 5.80 -17.31 0.78
CA GLN A 193 6.95 -18.19 1.02
C GLN A 193 7.98 -18.24 -0.08
N GLY A 194 7.53 -18.23 -1.32
CA GLY A 194 8.44 -18.35 -2.46
C GLY A 194 9.23 -17.10 -2.80
N GLY A 195 8.94 -15.96 -2.17
CA GLY A 195 9.67 -14.74 -2.48
C GLY A 195 9.17 -14.05 -3.73
N ASP A 196 9.96 -13.10 -4.23
CA ASP A 196 9.55 -12.32 -5.39
C ASP A 196 9.72 -13.09 -6.70
N PHE A 197 8.90 -12.73 -7.68
CA PHE A 197 8.82 -13.41 -8.96
C PHE A 197 10.11 -13.26 -9.79
N LEU A 198 10.75 -12.10 -9.72
CA LEU A 198 11.98 -11.88 -10.48
C LEU A 198 13.08 -12.85 -10.05
N THR A 199 13.26 -13.01 -8.75
CA THR A 199 14.24 -13.94 -8.22
C THR A 199 13.89 -15.36 -8.58
N PHE A 200 12.62 -15.68 -8.47
CA PHE A 200 12.15 -17.00 -8.87
C PHE A 200 12.50 -17.34 -10.33
N LEU A 201 12.26 -16.39 -11.23
CA LEU A 201 12.54 -16.57 -12.65
C LEU A 201 14.02 -16.79 -12.89
N ARG A 202 14.85 -15.97 -12.25
CA ARG A 202 16.29 -16.07 -12.42
C ARG A 202 16.87 -17.32 -11.81
N THR A 203 16.35 -17.71 -10.65
CA THR A 203 16.81 -18.93 -9.98
C THR A 203 16.27 -20.23 -10.62
N GLU A 204 14.97 -20.31 -10.84
CA GLU A 204 14.37 -21.53 -11.41
C GLU A 204 14.64 -21.69 -12.91
N GLY A 205 14.62 -20.58 -13.65
CA GLY A 205 15.21 -20.51 -14.99
C GLY A 205 14.86 -21.60 -15.98
N ALA A 206 15.88 -22.35 -16.41
CA ALA A 206 15.78 -23.36 -17.46
C ALA A 206 14.82 -24.48 -17.08
N ARG A 207 14.64 -24.69 -15.78
CA ARG A 207 13.68 -25.65 -15.26
C ARG A 207 12.22 -25.32 -15.62
N LEU A 208 11.88 -24.04 -15.74
CA LEU A 208 10.47 -23.66 -15.95
C LEU A 208 9.93 -23.97 -17.34
N ARG A 209 8.79 -24.67 -17.38
CA ARG A 209 8.05 -24.90 -18.63
C ARG A 209 7.24 -23.69 -19.06
N VAL A 210 7.03 -23.58 -20.37
CA VAL A 210 6.27 -22.47 -20.93
C VAL A 210 4.84 -22.45 -20.36
N LYS A 211 4.24 -23.63 -20.16
CA LYS A 211 2.90 -23.70 -19.59
C LYS A 211 2.86 -23.10 -18.19
N THR A 212 3.91 -23.39 -17.41
CA THR A 212 4.05 -22.86 -16.05
C THR A 212 4.15 -21.34 -16.05
N LEU A 213 4.98 -20.79 -16.93
CA LEU A 213 5.13 -19.33 -17.05
C LEU A 213 3.81 -18.66 -17.45
N LEU A 214 3.11 -19.28 -18.41
CA LEU A 214 1.81 -18.78 -18.86
C LEU A 214 0.78 -18.79 -17.73
N GLU A 215 0.79 -19.84 -16.92
CA GLU A 215 -0.06 -19.90 -15.76
C GLU A 215 0.21 -18.76 -14.74
N MET A 216 1.48 -18.52 -14.47
CA MET A 216 1.87 -17.47 -13.51
C MET A 216 1.52 -16.07 -14.00
N VAL A 217 1.77 -15.75 -15.26
CA VAL A 217 1.38 -14.44 -15.78
C VAL A 217 -0.14 -14.36 -15.92
N GLY A 218 -0.79 -15.49 -16.15
CA GLY A 218 -2.25 -15.55 -16.16
C GLY A 218 -2.75 -15.14 -14.75
N ASP A 219 -2.07 -15.59 -13.71
CA ASP A 219 -2.40 -15.20 -12.34
C ASP A 219 -2.25 -13.69 -12.15
N ALA A 220 -1.17 -13.14 -12.69
CA ALA A 220 -0.95 -11.69 -12.60
C ALA A 220 -2.04 -10.90 -13.33
N ALA A 221 -2.47 -11.41 -14.47
CA ALA A 221 -3.55 -10.79 -15.22
C ALA A 221 -4.86 -10.84 -14.47
N ALA A 222 -5.12 -11.94 -13.77
CA ALA A 222 -6.33 -12.05 -12.94
C ALA A 222 -6.30 -11.02 -11.80
N GLY A 223 -5.17 -10.91 -11.11
CA GLY A 223 -5.01 -9.90 -10.05
C GLY A 223 -5.24 -8.48 -10.57
N MET A 224 -4.65 -8.16 -11.72
CA MET A 224 -4.78 -6.85 -12.33
C MET A 224 -6.19 -6.55 -12.79
N GLU A 225 -6.87 -7.57 -13.32
CA GLU A 225 -8.29 -7.43 -13.69
C GLU A 225 -9.12 -7.07 -12.46
N TYR A 226 -8.83 -7.75 -11.35
CA TYR A 226 -9.56 -7.47 -10.10
C TYR A 226 -9.29 -6.02 -9.62
N LEU A 227 -8.03 -5.58 -9.68
CA LEU A 227 -7.67 -4.21 -9.29
C LEU A 227 -8.39 -3.16 -10.17
N GLU A 228 -8.42 -3.41 -11.47
CA GLU A 228 -9.09 -2.51 -12.41
C GLU A 228 -10.57 -2.40 -12.04
N SER A 229 -11.16 -3.52 -11.62
CA SER A 229 -12.57 -3.59 -11.20
C SER A 229 -12.81 -2.77 -9.93
N LYS A 230 -11.77 -2.63 -9.11
CA LYS A 230 -11.86 -1.82 -7.88
C LYS A 230 -11.39 -0.36 -8.09
N CYS A 231 -11.16 0.01 -9.36
CA CYS A 231 -10.63 1.35 -9.73
C CYS A 231 -9.24 1.62 -9.14
N CYS A 232 -8.47 0.56 -8.91
CA CYS A 232 -7.15 0.70 -8.37
C CYS A 232 -6.13 0.71 -9.50
N ILE A 233 -5.26 1.71 -9.48
CA ILE A 233 -4.13 1.84 -10.40
C ILE A 233 -2.88 1.54 -9.59
N HIS A 234 -2.18 0.46 -9.93
CA HIS A 234 -1.05 0.00 -9.10
C HIS A 234 0.18 0.88 -9.23
N ARG A 235 0.57 1.20 -10.48
CA ARG A 235 1.66 2.14 -10.82
C ARG A 235 3.09 1.56 -10.64
N ASP A 236 3.21 0.34 -10.11
CA ASP A 236 4.56 -0.24 -9.89
C ASP A 236 4.62 -1.72 -10.20
N LEU A 237 3.89 -2.10 -11.26
CA LEU A 237 3.79 -3.54 -11.60
C LEU A 237 5.07 -3.98 -12.30
N ALA A 238 5.69 -5.01 -11.78
CA ALA A 238 6.96 -5.52 -12.31
C ALA A 238 7.15 -6.90 -11.68
N ALA A 239 8.07 -7.70 -12.24
CA ALA A 239 8.30 -9.07 -11.70
C ALA A 239 8.76 -9.01 -10.27
N ARG A 240 9.59 -8.01 -9.94
CA ARG A 240 10.12 -7.88 -8.56
C ARG A 240 8.97 -7.59 -7.55
N ASN A 241 7.86 -7.07 -8.07
CA ASN A 241 6.68 -6.73 -7.26
C ASN A 241 5.54 -7.73 -7.37
N CYS A 242 5.89 -8.96 -7.76
CA CYS A 242 4.98 -10.09 -7.73
C CYS A 242 5.65 -11.14 -6.83
N LEU A 243 4.84 -11.89 -6.10
CA LEU A 243 5.35 -12.85 -5.16
C LEU A 243 4.86 -14.25 -5.54
N VAL A 244 5.60 -15.28 -5.15
CA VAL A 244 5.30 -16.64 -5.55
C VAL A 244 5.04 -17.51 -4.32
N THR A 245 3.84 -18.08 -4.26
CA THR A 245 3.52 -19.00 -3.14
C THR A 245 4.23 -20.35 -3.28
N GLU A 246 4.18 -21.13 -2.21
CA GLU A 246 4.79 -22.43 -2.15
C GLU A 246 4.25 -23.36 -3.27
N LYS A 247 3.07 -23.01 -3.79
CA LYS A 247 2.41 -23.77 -4.85
C LYS A 247 2.48 -23.10 -6.22
N ASN A 248 3.38 -22.12 -6.36
CA ASN A 248 3.60 -21.41 -7.65
C ASN A 248 2.49 -20.50 -8.12
N VAL A 249 1.61 -20.12 -7.19
CA VAL A 249 0.59 -19.12 -7.49
C VAL A 249 1.26 -17.74 -7.37
N LEU A 250 0.94 -16.83 -8.28
CA LEU A 250 1.52 -15.49 -8.24
C LEU A 250 0.55 -14.50 -7.59
N LYS A 251 1.09 -13.65 -6.72
CA LYS A 251 0.27 -12.58 -6.11
C LYS A 251 0.92 -11.23 -6.38
N ILE A 252 0.10 -10.25 -6.75
CA ILE A 252 0.57 -8.88 -6.87
C ILE A 252 0.76 -8.26 -5.47
N SER A 253 1.87 -7.55 -5.28
CA SER A 253 2.23 -6.97 -3.99
C SER A 253 2.82 -5.56 -4.19
N ASP A 254 3.36 -4.99 -3.13
CA ASP A 254 4.00 -3.65 -3.20
C ASP A 254 3.07 -2.55 -3.74
N PHE A 255 2.06 -2.24 -2.93
CA PHE A 255 0.99 -1.29 -3.28
C PHE A 255 1.25 0.16 -2.82
N GLY A 256 2.50 0.46 -2.46
CA GLY A 256 2.87 1.78 -1.88
C GLY A 256 2.58 2.93 -2.85
N MET A 257 2.66 2.69 -4.15
CA MET A 257 2.41 3.75 -5.14
C MET A 257 0.98 3.73 -5.71
N SER A 258 0.18 2.75 -5.28
CA SER A 258 -1.14 2.54 -5.88
C SER A 258 -2.13 3.65 -5.45
N ARG A 259 -3.11 3.93 -6.31
CA ARG A 259 -4.06 5.03 -6.10
C ARG A 259 -5.41 4.55 -6.59
N GLU A 260 -6.45 4.90 -5.87
CA GLU A 260 -7.82 4.59 -6.26
C GLU A 260 -8.43 5.82 -6.91
N GLU A 261 -8.96 5.66 -8.12
CA GLU A 261 -9.62 6.78 -8.81
C GLU A 261 -10.91 6.31 -9.44
N ALA A 262 -12.00 6.93 -9.01
CA ALA A 262 -13.32 6.56 -9.46
C ALA A 262 -13.46 6.73 -10.98
N ASP A 263 -12.82 7.75 -11.56
CA ASP A 263 -12.97 7.98 -12.99
C ASP A 263 -11.79 7.50 -13.83
N GLY A 264 -10.94 6.71 -13.19
CA GLY A 264 -9.94 5.90 -13.89
C GLY A 264 -8.61 6.56 -14.19
N VAL A 265 -8.41 7.80 -13.76
CA VAL A 265 -7.17 8.50 -14.06
C VAL A 265 -6.59 9.12 -12.78
N TYR A 266 -5.33 8.83 -12.55
CA TYR A 266 -4.61 9.49 -11.48
C TYR A 266 -3.58 10.48 -12.09
N ALA A 267 -3.66 11.75 -11.68
CA ALA A 267 -2.70 12.77 -12.13
C ALA A 267 -1.60 12.85 -11.09
N ALA A 268 -0.39 12.49 -11.51
CA ALA A 268 0.75 12.41 -10.62
C ALA A 268 1.17 13.78 -10.17
N SER A 269 1.75 13.86 -8.98
CA SER A 269 2.23 15.16 -8.44
C SER A 269 3.37 15.69 -9.32
N GLY A 270 4.10 14.77 -9.93
CA GLY A 270 5.28 15.09 -10.72
C GLY A 270 6.53 14.89 -9.87
N GLY A 271 6.36 14.89 -8.54
CA GLY A 271 7.48 14.91 -7.59
C GLY A 271 8.05 13.56 -7.17
N LEU A 272 7.52 12.48 -7.74
CA LEU A 272 7.96 11.14 -7.37
C LEU A 272 9.46 10.89 -7.64
N ARG A 273 10.08 10.23 -6.68
CA ARG A 273 11.49 9.87 -6.76
C ARG A 273 11.56 8.38 -7.09
N GLN A 274 12.65 7.94 -7.69
CA GLN A 274 12.83 6.51 -7.99
C GLN A 274 11.63 5.91 -8.75
N VAL A 275 11.06 6.67 -9.68
CA VAL A 275 9.95 6.15 -10.48
C VAL A 275 10.51 5.05 -11.37
N PRO A 276 9.77 3.93 -11.54
CA PRO A 276 10.32 2.82 -12.33
C PRO A 276 10.10 3.11 -13.81
N VAL A 277 10.97 3.95 -14.35
CA VAL A 277 10.87 4.50 -15.69
C VAL A 277 10.76 3.40 -16.74
N LYS A 278 11.56 2.33 -16.62
CA LYS A 278 11.55 1.27 -17.63
C LYS A 278 10.26 0.45 -17.68
N TRP A 279 9.48 0.49 -16.59
CA TRP A 279 8.16 -0.17 -16.49
C TRP A 279 6.99 0.73 -16.74
N THR A 280 7.24 2.02 -16.90
CA THR A 280 6.18 3.02 -16.93
C THR A 280 5.81 3.48 -18.35
N ALA A 281 4.52 3.61 -18.61
CA ALA A 281 4.01 4.06 -19.92
C ALA A 281 4.41 5.51 -20.21
N PRO A 282 4.61 5.84 -21.50
CA PRO A 282 5.05 7.16 -21.92
C PRO A 282 4.17 8.30 -21.42
N GLU A 283 2.84 8.16 -21.51
CA GLU A 283 1.94 9.26 -21.09
C GLU A 283 2.00 9.53 -19.58
N ALA A 284 2.29 8.49 -18.80
CA ALA A 284 2.46 8.62 -17.36
C ALA A 284 3.72 9.40 -16.99
N LEU A 285 4.82 9.12 -17.69
CA LEU A 285 6.03 9.90 -17.51
C LEU A 285 5.90 11.30 -18.09
N ASN A 286 5.35 11.41 -19.31
CA ASN A 286 5.30 12.68 -19.99
C ASN A 286 4.33 13.65 -19.32
N TYR A 287 3.15 13.15 -18.93
CA TYR A 287 2.05 14.06 -18.53
C TYR A 287 1.51 13.70 -17.16
N GLY A 288 2.16 12.77 -16.48
CA GLY A 288 1.69 12.34 -15.18
C GLY A 288 0.34 11.62 -15.23
N ARG A 289 0.00 11.00 -16.36
CA ARG A 289 -1.32 10.36 -16.48
C ARG A 289 -1.21 8.86 -16.22
N TYR A 290 -1.72 8.43 -15.08
CA TYR A 290 -1.69 7.02 -14.71
C TYR A 290 -3.12 6.50 -14.77
N SER A 291 -3.24 5.26 -15.22
CA SER A 291 -4.54 4.62 -15.41
C SER A 291 -4.30 3.12 -15.46
N SER A 292 -5.38 2.38 -15.59
CA SER A 292 -5.24 0.94 -15.83
C SER A 292 -4.47 0.69 -17.12
N GLU A 293 -4.66 1.57 -18.10
CA GLU A 293 -3.90 1.50 -19.37
C GLU A 293 -2.41 1.67 -19.21
N SER A 294 -1.97 2.56 -18.31
CA SER A 294 -0.54 2.60 -17.97
C SER A 294 -0.10 1.35 -17.22
N ASP A 295 -0.97 0.78 -16.40
CA ASP A 295 -0.63 -0.53 -15.78
C ASP A 295 -0.51 -1.61 -16.86
N VAL A 296 -1.33 -1.51 -17.90
CA VAL A 296 -1.26 -2.48 -19.01
C VAL A 296 0.13 -2.42 -19.71
N TRP A 297 0.67 -1.21 -19.86
CA TRP A 297 2.01 -1.08 -20.41
C TRP A 297 2.99 -1.80 -19.54
N SER A 298 2.88 -1.61 -18.23
CA SER A 298 3.72 -2.32 -17.24
C SER A 298 3.58 -3.83 -17.34
N PHE A 299 2.37 -4.30 -17.59
CA PHE A 299 2.12 -5.72 -17.73
C PHE A 299 2.86 -6.29 -18.94
N GLY A 300 2.94 -5.52 -20.03
CA GLY A 300 3.74 -5.91 -21.19
C GLY A 300 5.21 -6.09 -20.81
N ILE A 301 5.76 -5.17 -20.03
CA ILE A 301 7.13 -5.34 -19.51
C ILE A 301 7.24 -6.60 -18.63
N LEU A 302 6.24 -6.85 -17.78
CA LEU A 302 6.21 -8.04 -16.95
C LEU A 302 6.23 -9.33 -17.79
N LEU A 303 5.47 -9.34 -18.88
CA LEU A 303 5.51 -10.42 -19.86
C LEU A 303 6.91 -10.61 -20.44
N TRP A 304 7.58 -9.49 -20.73
CA TRP A 304 8.92 -9.55 -21.25
C TRP A 304 9.89 -10.11 -20.25
N GLU A 305 9.77 -9.69 -18.99
CA GLU A 305 10.58 -10.21 -17.91
C GLU A 305 10.37 -11.71 -17.74
N THR A 306 9.11 -12.15 -17.84
CA THR A 306 8.77 -13.54 -17.61
C THR A 306 9.39 -14.46 -18.66
N PHE A 307 9.22 -14.12 -19.94
CA PHE A 307 9.72 -14.98 -21.01
C PHE A 307 11.18 -14.80 -21.36
N SER A 308 11.79 -13.77 -20.78
CA SER A 308 13.26 -13.64 -20.88
C SER A 308 13.90 -14.30 -19.65
N LEU A 309 13.05 -14.92 -18.83
CA LEU A 309 13.45 -15.56 -17.57
C LEU A 309 14.17 -14.57 -16.63
N GLY A 310 13.63 -13.37 -16.47
CA GLY A 310 14.19 -12.38 -15.52
C GLY A 310 15.30 -11.49 -16.08
N ALA A 311 15.33 -11.25 -17.39
CA ALA A 311 16.37 -10.37 -17.97
C ALA A 311 15.99 -8.92 -17.59
N SER A 312 16.97 -8.01 -17.56
CA SER A 312 16.67 -6.61 -17.22
C SER A 312 16.33 -5.86 -18.50
N PRO A 313 15.23 -5.09 -18.50
CA PRO A 313 14.80 -4.42 -19.73
C PRO A 313 15.69 -3.24 -20.13
N TYR A 314 15.87 -2.99 -21.44
CA TYR A 314 16.66 -1.86 -21.91
C TYR A 314 18.02 -1.77 -21.19
N PRO A 315 18.78 -2.88 -21.14
CA PRO A 315 20.03 -2.91 -20.33
C PRO A 315 21.04 -1.82 -20.71
N ASN A 316 21.10 -1.50 -22.00
CA ASN A 316 22.10 -0.56 -22.49
C ASN A 316 21.62 0.89 -22.46
N LEU A 317 20.44 1.11 -21.89
CA LEU A 317 19.88 2.46 -21.86
C LEU A 317 19.71 3.01 -20.45
N SER A 318 20.06 4.29 -20.29
CA SER A 318 19.70 5.04 -19.08
C SER A 318 18.17 5.27 -19.06
N ASN A 319 17.62 5.70 -17.93
CA ASN A 319 16.20 5.98 -17.89
C ASN A 319 15.79 7.03 -18.96
N GLN A 320 16.57 8.10 -19.08
CA GLN A 320 16.26 9.15 -20.04
C GLN A 320 16.38 8.64 -21.49
N GLN A 321 17.39 7.81 -21.73
CA GLN A 321 17.58 7.20 -23.05
C GLN A 321 16.42 6.26 -23.39
N THR A 322 15.91 5.56 -22.37
CA THR A 322 14.77 4.67 -22.58
C THR A 322 13.53 5.48 -22.97
N ARG A 323 13.30 6.60 -22.30
CA ARG A 323 12.19 7.47 -22.66
C ARG A 323 12.30 7.95 -24.12
N GLU A 324 13.49 8.39 -24.51
CA GLU A 324 13.73 8.85 -25.87
C GLU A 324 13.58 7.75 -26.90
N PHE A 325 14.09 6.58 -26.56
CA PHE A 325 14.03 5.38 -27.40
C PHE A 325 12.56 5.00 -27.66
N VAL A 326 11.76 4.97 -26.60
CA VAL A 326 10.33 4.67 -26.71
C VAL A 326 9.55 5.69 -27.56
N GLU A 327 9.86 7.00 -27.39
CA GLU A 327 9.21 8.06 -28.17
C GLU A 327 9.46 7.83 -29.67
N LYS A 328 10.63 7.32 -30.00
CA LYS A 328 11.01 7.03 -31.41
C LYS A 328 10.39 5.75 -31.96
N GLY A 329 9.64 5.04 -31.13
CA GLY A 329 9.02 3.78 -31.53
C GLY A 329 9.75 2.53 -31.07
N GLY A 330 10.87 2.71 -30.36
CA GLY A 330 11.63 1.58 -29.85
C GLY A 330 10.84 0.78 -28.86
N ARG A 331 10.94 -0.53 -28.93
CA ARG A 331 10.33 -1.42 -27.95
C ARG A 331 11.30 -2.57 -27.71
N LEU A 332 11.13 -3.26 -26.61
CA LEU A 332 11.91 -4.45 -26.29
C LEU A 332 11.74 -5.56 -27.33
N PRO A 333 12.82 -6.31 -27.59
CA PRO A 333 12.82 -7.38 -28.61
C PRO A 333 12.12 -8.65 -28.10
N CYS A 334 11.68 -9.52 -29.00
CA CYS A 334 11.02 -10.77 -28.59
C CYS A 334 12.06 -11.72 -27.98
N PRO A 335 11.81 -12.22 -26.78
CA PRO A 335 12.70 -13.20 -26.14
C PRO A 335 12.59 -14.54 -26.87
N GLU A 336 13.65 -15.33 -26.82
CA GLU A 336 13.71 -16.64 -27.48
C GLU A 336 12.58 -17.56 -27.06
N LEU A 337 12.32 -17.62 -25.76
CA LEU A 337 11.32 -18.54 -25.22
C LEU A 337 9.89 -18.04 -25.35
N CYS A 338 9.73 -16.82 -25.84
CA CYS A 338 8.42 -16.22 -25.94
C CYS A 338 7.68 -16.73 -27.16
N PRO A 339 6.48 -17.32 -26.96
CA PRO A 339 5.70 -17.79 -28.11
C PRO A 339 5.25 -16.58 -28.92
N ASP A 340 5.08 -16.75 -30.22
CA ASP A 340 4.74 -15.65 -31.10
C ASP A 340 3.47 -14.96 -30.62
N ALA A 341 2.50 -15.72 -30.12
CA ALA A 341 1.25 -15.14 -29.72
C ALA A 341 1.39 -14.28 -28.47
N VAL A 342 2.24 -14.71 -27.54
CA VAL A 342 2.51 -13.89 -26.35
C VAL A 342 3.19 -12.56 -26.73
N PHE A 343 4.11 -12.62 -27.66
CA PHE A 343 4.78 -11.40 -28.10
C PHE A 343 3.83 -10.42 -28.80
N ARG A 344 2.89 -10.95 -29.61
CA ARG A 344 1.87 -10.10 -30.23
C ARG A 344 1.03 -9.36 -29.16
N LEU A 345 0.64 -10.06 -28.09
CA LEU A 345 -0.08 -9.47 -26.97
C LEU A 345 0.79 -8.43 -26.27
N MET A 346 2.07 -8.77 -26.06
CA MET A 346 3.05 -7.88 -25.47
C MET A 346 3.16 -6.57 -26.25
N GLU A 347 3.22 -6.68 -27.59
CA GLU A 347 3.26 -5.52 -28.48
C GLU A 347 2.03 -4.63 -28.38
N GLN A 348 0.85 -5.25 -28.22
CA GLN A 348 -0.39 -4.51 -28.05
C GLN A 348 -0.37 -3.74 -26.72
N CYS A 349 0.14 -4.39 -25.66
CA CYS A 349 0.30 -3.75 -24.34
C CYS A 349 1.15 -2.49 -24.41
N TRP A 350 2.08 -2.45 -25.37
CA TRP A 350 2.99 -1.31 -25.54
C TRP A 350 2.60 -0.42 -26.66
N ALA A 351 1.32 -0.44 -27.05
CA ALA A 351 0.84 0.56 -28.00
C ALA A 351 1.08 1.95 -27.39
N TYR A 352 1.50 2.89 -28.23
CA TYR A 352 1.80 4.24 -27.74
C TYR A 352 0.59 4.95 -27.16
N GLU A 353 -0.54 4.87 -27.84
CA GLU A 353 -1.77 5.48 -27.30
C GLU A 353 -2.42 4.50 -26.33
N PRO A 354 -2.76 4.99 -25.14
CA PRO A 354 -3.31 4.11 -24.09
C PRO A 354 -4.62 3.45 -24.54
N GLY A 355 -5.40 4.16 -25.37
CA GLY A 355 -6.70 3.65 -25.86
C GLY A 355 -6.57 2.40 -26.70
N GLN A 356 -5.42 2.23 -27.36
CA GLN A 356 -5.12 1.10 -28.25
C GLN A 356 -4.69 -0.17 -27.49
N ARG A 357 -4.39 -0.04 -26.21
CA ARG A 357 -3.93 -1.18 -25.43
C ARG A 357 -5.08 -2.08 -25.04
N PRO A 358 -4.81 -3.38 -24.87
CA PRO A 358 -5.89 -4.31 -24.50
C PRO A 358 -6.25 -4.16 -23.02
N SER A 359 -7.49 -4.53 -22.68
CA SER A 359 -7.93 -4.52 -21.29
C SER A 359 -7.31 -5.72 -20.55
N PHE A 360 -7.32 -5.69 -19.21
CA PHE A 360 -6.83 -6.82 -18.44
C PHE A 360 -7.66 -8.09 -18.65
N SER A 361 -8.98 -7.96 -18.81
CA SER A 361 -9.83 -9.13 -19.16
C SER A 361 -9.38 -9.78 -20.46
N THR A 362 -9.08 -8.98 -21.48
CA THR A 362 -8.58 -9.48 -22.77
C THR A 362 -7.25 -10.17 -22.58
N ILE A 363 -6.37 -9.55 -21.79
CA ILE A 363 -5.06 -10.11 -21.52
C ILE A 363 -5.21 -11.45 -20.80
N TYR A 364 -6.05 -11.51 -19.78
CA TYR A 364 -6.23 -12.78 -19.03
C TYR A 364 -6.76 -13.92 -19.93
N GLN A 365 -7.75 -13.59 -20.76
CA GLN A 365 -8.38 -14.57 -21.63
C GLN A 365 -7.43 -15.05 -22.72
N GLU A 366 -6.65 -14.13 -23.28
CA GLU A 366 -5.72 -14.47 -24.34
C GLU A 366 -4.58 -15.37 -23.85
N LEU A 367 -4.02 -15.04 -22.69
CA LEU A 367 -2.98 -15.87 -22.04
C LEU A 367 -3.52 -17.26 -21.70
N GLN A 368 -4.74 -17.32 -21.19
CA GLN A 368 -5.39 -18.58 -20.86
C GLN A 368 -5.59 -19.42 -22.11
N SER A 369 -6.04 -18.77 -23.18
CA SER A 369 -6.23 -19.46 -24.45
C SER A 369 -4.89 -19.95 -25.03
N ILE A 370 -3.84 -19.14 -24.94
CA ILE A 370 -2.49 -19.58 -25.36
C ILE A 370 -1.99 -20.79 -24.53
N ARG A 371 -2.27 -20.76 -23.23
CA ARG A 371 -1.79 -21.78 -22.30
C ARG A 371 -2.36 -23.16 -22.61
N LYS A 372 -3.61 -23.16 -23.06
CA LYS A 372 -4.30 -24.41 -23.36
C LYS A 372 -3.72 -25.14 -24.56
N ARG A 373 -2.99 -24.45 -25.42
CA ARG A 373 -2.26 -25.17 -26.48
C ARG A 373 -0.77 -25.43 -26.16
N HIS A 374 -0.38 -25.24 -24.90
CA HIS A 374 1.00 -25.47 -24.45
C HIS A 374 1.04 -26.40 -23.28
S SO4 B . 1.58 15.97 16.95
O1 SO4 B . 2.10 16.07 15.57
O2 SO4 B . 1.63 14.56 17.33
O3 SO4 B . 2.34 16.70 18.01
O4 SO4 B . 0.22 16.57 16.84
S SO4 C . 3.00 10.86 -7.05
O1 SO4 C . 3.60 10.29 -8.27
O2 SO4 C . 4.06 11.74 -6.51
O3 SO4 C . 2.61 9.82 -6.13
O4 SO4 C . 1.73 11.56 -7.33
C7 A1LWS D . 5.64 -8.34 0.64
C4 A1LWS D . 10.14 -10.80 -0.88
C5 A1LWS D . 9.78 -12.65 0.58
C6 A1LWS D . 6.37 -7.32 0.04
C3 A1LWS D . 11.81 -12.53 -0.64
C2 A1LWS D . 11.38 -11.34 -1.21
C1 A1LWS D . 5.74 -6.07 -0.13
C8 A1LWS D . 6.21 -9.59 0.81
C9 A1LWS D . 11.00 -13.19 0.26
C10 A1LWS D . 9.34 -11.45 0.03
C11 A1LWS D . 7.66 -7.59 -0.39
C12 A1LWS D . 7.50 -9.79 0.34
C13 A1LWS D . 4.28 -8.08 1.09
C14 A1LWS D . 5.40 -10.65 1.44
C15 A1LWS D . 11.96 -6.55 -3.44
C16 A1LWS D . 12.02 -5.88 -2.08
C17 A1LWS D . 11.08 -7.80 -3.37
C18 A1LWS D . 10.61 -5.64 -1.53
C19 A1LWS D . 12.73 -14.87 0.68
C20 A1LWS D . 10.57 -14.84 2.02
C21 A1LWS D . 9.68 -7.50 -2.89
C22 A1LWS D . 9.71 -6.90 -1.50
C23 A1LWS D . 12.91 -16.27 1.26
C24 A1LWS D . 10.93 -16.29 2.29
C25 A1LWS D . 14.38 -16.61 1.29
C26 A1LWS D . 10.11 -16.90 3.40
N27 A1LWS D . 5.15 -5.07 -0.31
N28 A1LWS D . 8.21 -8.82 -0.23
N29 A1LWS D . 3.57 -9.01 1.66
N30 A1LWS D . 4.15 -10.23 1.84
N31 A1LWS D . 11.36 -14.42 0.87
N32 A1LWS D . 8.99 -6.64 -3.87
N33 A1LWS D . 8.08 -11.04 0.49
N34 A1LWS D . 8.36 -6.54 -1.01
O35 A1LWS D . 5.81 -11.80 1.61
O36 A1LWS D . 12.33 -16.32 2.57
#